data_8PQR
#
_entry.id   8PQR
#
_cell.length_a   97.280
_cell.length_b   97.280
_cell.length_c   65.850
_cell.angle_alpha   90.00
_cell.angle_beta   90.00
_cell.angle_gamma   120.00
#
_symmetry.space_group_name_H-M   'P 32'
#
loop_
_entity.id
_entity.type
_entity.pdbx_description
1 polymer 'Nucleoside 2-deoxyribosyltransferase'
2 non-polymer 7-[[(3R,4R)-3-(hydroxymethyl)-4-oxidanyl-pyrrolidin-1-ium-1-yl]methyl]-3,5-dihydropyrrolo[3,2-d]pyrimidin-4-one
3 water water
#
_entity_poly.entity_id   1
_entity_poly.type   'polypeptide(L)'
_entity_poly.pdbx_seq_one_letter_code
;KRKIIYLASPYGFSQQQKTLLLPPIVRALEALGIEVWEPFARNNQIDFSQADWAYRVAQADLQDVKNCDGIFAVVNGTPP
DEGVMVELGMAIALNKAIFLFRDDFRRCSDNERYPLNLMLFAGLPEIGWENYYYTSVDEIQSHDKALYKWLTGM
;
_entity_poly.pdbx_strand_id   B,A,D,C
#
# COMPACT_ATOMS: atom_id res chain seq x y z
N LYS A 1 5.73 34.38 -19.75
CA LYS A 1 6.16 33.05 -19.33
C LYS A 1 5.04 32.11 -18.89
N ARG A 2 5.13 30.86 -19.38
CA ARG A 2 4.16 29.84 -19.06
C ARG A 2 4.23 29.50 -17.58
N LYS A 3 3.07 29.24 -16.97
CA LYS A 3 3.07 28.70 -15.63
C LYS A 3 3.70 27.32 -15.65
N ILE A 4 4.40 26.98 -14.56
CA ILE A 4 5.13 25.71 -14.46
C ILE A 4 4.36 24.76 -13.54
N ILE A 5 4.00 23.60 -14.06
CA ILE A 5 3.38 22.54 -13.28
C ILE A 5 4.38 21.40 -13.09
N TYR A 6 4.57 21.00 -11.82
CA TYR A 6 5.29 19.78 -11.49
C TYR A 6 4.29 18.63 -11.49
N LEU A 7 4.48 17.69 -12.41
CA LEU A 7 3.58 16.54 -12.60
C LEU A 7 4.09 15.37 -11.77
N ALA A 8 3.60 15.24 -10.55
CA ALA A 8 4.05 14.18 -9.65
C ALA A 8 3.20 12.95 -9.85
N SER A 9 3.84 11.80 -10.03
CA SER A 9 3.10 10.57 -10.26
C SER A 9 4.00 9.38 -9.94
N PRO A 10 3.40 8.22 -9.68
CA PRO A 10 4.18 6.97 -9.63
C PRO A 10 4.31 6.27 -10.97
N TYR A 11 3.91 6.92 -12.05
CA TYR A 11 3.76 6.20 -13.31
C TYR A 11 5.10 5.88 -13.96
N GLY A 12 6.18 6.55 -13.55
CA GLY A 12 7.49 6.22 -14.06
C GLY A 12 8.05 4.91 -13.54
N PHE A 13 7.45 4.33 -12.50
CA PHE A 13 7.99 3.09 -11.93
C PHE A 13 7.64 1.87 -12.77
N SER A 14 6.59 1.93 -13.58
CA SER A 14 6.15 0.80 -14.40
C SER A 14 6.45 1.11 -15.85
N GLN A 15 7.11 0.17 -16.52
CA GLN A 15 7.54 0.43 -17.91
C GLN A 15 6.34 0.79 -18.79
N GLN A 16 5.26 0.01 -18.67
CA GLN A 16 4.07 0.26 -19.49
C GLN A 16 3.37 1.54 -19.08
N GLN A 17 3.29 1.81 -17.77
CA GLN A 17 2.60 3.02 -17.33
C GLN A 17 3.37 4.26 -17.76
N LYS A 18 4.71 4.20 -17.71
CA LYS A 18 5.50 5.33 -18.13
C LYS A 18 5.25 5.65 -19.59
N THR A 19 5.20 4.61 -20.43
CA THR A 19 5.07 4.77 -21.88
C THR A 19 3.67 5.22 -22.28
N LEU A 20 2.64 4.70 -21.59
CA LEU A 20 1.26 4.85 -22.04
C LEU A 20 0.43 5.85 -21.25
N LEU A 21 0.63 5.97 -19.93
CA LEU A 21 -0.23 6.81 -19.11
C LEU A 21 0.24 8.26 -19.03
N LEU A 22 1.55 8.46 -18.96
CA LEU A 22 2.07 9.81 -18.74
C LEU A 22 1.93 10.71 -19.97
N PRO A 23 2.28 10.26 -21.18
CA PRO A 23 2.22 11.19 -22.33
C PRO A 23 0.86 11.83 -22.51
N PRO A 24 -0.26 11.09 -22.41
CA PRO A 24 -1.57 11.76 -22.54
C PRO A 24 -1.81 12.83 -21.49
N ILE A 25 -1.34 12.63 -20.27
CA ILE A 25 -1.52 13.63 -19.21
C ILE A 25 -0.64 14.85 -19.48
N VAL A 26 0.63 14.60 -19.81
CA VAL A 26 1.53 15.70 -20.19
C VAL A 26 0.92 16.51 -21.32
N ARG A 27 0.38 15.82 -22.33
CA ARG A 27 -0.17 16.50 -23.49
C ARG A 27 -1.39 17.34 -23.13
N ALA A 28 -2.26 16.81 -22.25
CA ALA A 28 -3.42 17.58 -21.82
C ALA A 28 -2.99 18.85 -21.10
N LEU A 29 -1.99 18.75 -20.22
CA LEU A 29 -1.52 19.95 -19.52
C LEU A 29 -0.87 20.94 -20.48
N GLU A 30 -0.06 20.44 -21.41
CA GLU A 30 0.61 21.33 -22.35
C GLU A 30 -0.38 22.05 -23.26
N ALA A 31 -1.52 21.41 -23.54
CA ALA A 31 -2.53 22.05 -24.38
C ALA A 31 -3.13 23.29 -23.71
N LEU A 32 -3.03 23.39 -22.39
CA LEU A 32 -3.43 24.59 -21.67
C LEU A 32 -2.37 25.68 -21.71
N GLY A 33 -1.19 25.42 -22.28
CA GLY A 33 -0.13 26.40 -22.28
C GLY A 33 0.81 26.31 -21.10
N ILE A 34 0.79 25.19 -20.38
CA ILE A 34 1.59 24.97 -19.19
C ILE A 34 2.94 24.42 -19.57
N GLU A 35 3.99 24.88 -18.88
CA GLU A 35 5.27 24.18 -18.94
C GLU A 35 5.23 23.04 -17.93
N VAL A 36 5.36 21.80 -18.40
CA VAL A 36 5.21 20.62 -17.55
C VAL A 36 6.61 20.12 -17.19
N TRP A 37 6.84 20.00 -15.89
CA TRP A 37 8.03 19.38 -15.33
C TRP A 37 7.61 18.01 -14.85
N GLU A 38 7.94 16.99 -15.62
CA GLU A 38 7.64 15.62 -15.26
C GLU A 38 8.93 14.96 -14.80
N PRO A 39 9.03 14.53 -13.54
CA PRO A 39 10.35 14.19 -12.97
C PRO A 39 11.05 13.02 -13.63
N PHE A 40 10.33 12.00 -14.09
CA PHE A 40 11.03 10.87 -14.68
C PHE A 40 11.72 11.31 -15.97
N ALA A 41 11.05 12.18 -16.73
CA ALA A 41 11.67 12.74 -17.93
C ALA A 41 12.78 13.71 -17.57
N ARG A 42 12.57 14.54 -16.55
CA ARG A 42 13.53 15.59 -16.26
C ARG A 42 14.84 15.07 -15.69
N ASN A 43 14.86 13.86 -15.15
CA ASN A 43 16.11 13.33 -14.59
C ASN A 43 16.70 12.23 -15.47
N ASN A 44 16.45 12.30 -16.77
CA ASN A 44 16.93 11.25 -17.66
C ASN A 44 18.36 11.46 -18.11
N GLN A 45 19.03 12.50 -17.63
CA GLN A 45 20.44 12.69 -17.93
C GLN A 45 21.29 12.49 -16.68
N ILE A 46 20.68 12.01 -15.60
CA ILE A 46 21.43 11.51 -14.46
C ILE A 46 22.04 10.16 -14.83
N ASP A 47 23.26 9.93 -14.36
CA ASP A 47 23.94 8.67 -14.60
C ASP A 47 23.44 7.67 -13.57
N PHE A 48 22.53 6.78 -13.98
CA PHE A 48 21.96 5.84 -13.03
C PHE A 48 22.87 4.65 -12.74
N SER A 49 24.05 4.59 -13.37
CA SER A 49 25.05 3.61 -12.98
C SER A 49 25.86 4.04 -11.76
N GLN A 50 25.80 5.32 -11.39
CA GLN A 50 26.58 5.84 -10.27
C GLN A 50 25.78 5.78 -8.98
N ALA A 51 26.48 5.53 -7.88
CA ALA A 51 25.80 5.20 -6.63
C ALA A 51 25.01 6.38 -6.07
N ASP A 52 25.42 7.60 -6.39
CA ASP A 52 24.75 8.77 -5.84
C ASP A 52 23.53 9.19 -6.64
N TRP A 53 23.10 8.40 -7.62
CA TRP A 53 21.99 8.85 -8.47
C TRP A 53 20.72 9.10 -7.67
N ALA A 54 20.50 8.32 -6.60
CA ALA A 54 19.26 8.49 -5.83
C ALA A 54 19.25 9.82 -5.08
N TYR A 55 20.39 10.21 -4.51
CA TYR A 55 20.47 11.52 -3.88
C TYR A 55 20.29 12.63 -4.92
N ARG A 56 20.81 12.43 -6.13
CA ARG A 56 20.73 13.51 -7.10
C ARG A 56 19.31 13.66 -7.62
N VAL A 57 18.55 12.57 -7.70
CA VAL A 57 17.15 12.69 -8.08
C VAL A 57 16.38 13.38 -6.98
N ALA A 58 16.63 13.02 -5.71
CA ALA A 58 15.94 13.65 -4.59
C ALA A 58 16.15 15.15 -4.59
N GLN A 59 17.40 15.59 -4.76
CA GLN A 59 17.68 17.03 -4.73
C GLN A 59 17.11 17.73 -5.96
N ALA A 60 17.18 17.08 -7.12
CA ALA A 60 16.58 17.66 -8.32
C ALA A 60 15.08 17.83 -8.15
N ASP A 61 14.41 16.82 -7.60
CA ASP A 61 12.97 16.95 -7.41
C ASP A 61 12.63 17.97 -6.35
N LEU A 62 13.44 18.03 -5.28
CA LEU A 62 13.25 19.06 -4.27
C LEU A 62 13.34 20.46 -4.89
N GLN A 63 14.35 20.68 -5.72
CA GLN A 63 14.51 21.98 -6.36
C GLN A 63 13.35 22.28 -7.31
N ASP A 64 12.88 21.25 -8.04
CA ASP A 64 11.79 21.47 -8.99
C ASP A 64 10.49 21.83 -8.29
N VAL A 65 10.22 21.22 -7.13
CA VAL A 65 9.00 21.59 -6.41
C VAL A 65 9.14 23.02 -5.87
N LYS A 66 10.34 23.39 -5.41
CA LYS A 66 10.56 24.75 -4.95
C LYS A 66 10.38 25.76 -6.07
N ASN A 67 10.71 25.38 -7.31
CA ASN A 67 10.73 26.34 -8.41
C ASN A 67 9.49 26.30 -9.28
N CYS A 68 8.65 25.27 -9.15
CA CYS A 68 7.39 25.22 -9.88
C CYS A 68 6.42 26.29 -9.36
N ASP A 69 5.38 26.55 -10.16
CA ASP A 69 4.26 27.38 -9.72
C ASP A 69 3.12 26.57 -9.11
N GLY A 70 2.93 25.33 -9.57
CA GLY A 70 1.89 24.47 -9.03
C GLY A 70 2.31 23.02 -9.18
N ILE A 71 1.68 22.17 -8.39
CA ILE A 71 1.86 20.73 -8.50
C ILE A 71 0.56 20.12 -9.00
N PHE A 72 0.68 19.18 -9.94
CA PHE A 72 -0.44 18.36 -10.40
C PHE A 72 -0.07 16.95 -9.96
N ALA A 73 -0.71 16.47 -8.89
CA ALA A 73 -0.32 15.22 -8.25
C ALA A 73 -1.28 14.12 -8.64
N VAL A 74 -0.74 13.08 -9.30
CA VAL A 74 -1.53 11.87 -9.57
C VAL A 74 -1.57 11.07 -8.27
N VAL A 75 -2.75 10.99 -7.65
CA VAL A 75 -2.87 10.33 -6.36
C VAL A 75 -3.73 9.07 -6.48
N ASN A 76 -3.61 8.36 -7.60
CA ASN A 76 -4.14 7.02 -7.73
C ASN A 76 -3.40 6.05 -6.81
N GLY A 77 -4.04 4.94 -6.54
CA GLY A 77 -3.48 3.87 -5.75
C GLY A 77 -4.10 3.82 -4.36
N THR A 78 -3.91 2.68 -3.70
CA THR A 78 -4.34 2.53 -2.31
C THR A 78 -3.14 2.00 -1.54
N PRO A 79 -2.34 2.89 -0.91
CA PRO A 79 -2.55 4.35 -0.83
C PRO A 79 -1.85 5.10 -1.97
N PRO A 80 -2.07 6.42 -2.04
CA PRO A 80 -1.26 7.24 -2.97
C PRO A 80 0.22 7.06 -2.71
N ASP A 81 1.01 7.31 -3.76
CA ASP A 81 2.45 7.08 -3.71
C ASP A 81 3.16 7.97 -2.70
N GLU A 82 4.08 7.37 -1.93
CA GLU A 82 4.72 8.07 -0.82
C GLU A 82 5.65 9.19 -1.29
N GLY A 83 6.32 9.01 -2.43
CA GLY A 83 7.12 10.10 -2.98
C GLY A 83 6.26 11.26 -3.48
N VAL A 84 5.16 10.94 -4.16
CA VAL A 84 4.19 11.97 -4.54
C VAL A 84 3.69 12.72 -3.32
N MET A 85 3.45 12.00 -2.22
CA MET A 85 2.94 12.63 -0.99
C MET A 85 3.97 13.57 -0.38
N VAL A 86 5.25 13.17 -0.36
CA VAL A 86 6.30 14.08 0.13
C VAL A 86 6.34 15.34 -0.72
N GLU A 87 6.28 15.18 -2.05
CA GLU A 87 6.30 16.36 -2.92
C GLU A 87 5.06 17.23 -2.72
N LEU A 88 3.91 16.60 -2.48
CA LEU A 88 2.68 17.35 -2.19
C LEU A 88 2.82 18.14 -0.89
N GLY A 89 3.36 17.51 0.16
CA GLY A 89 3.57 18.22 1.41
C GLY A 89 4.51 19.40 1.23
N MET A 90 5.59 19.23 0.45
CA MET A 90 6.46 20.34 0.12
C MET A 90 5.68 21.47 -0.56
N ALA A 91 4.86 21.12 -1.56
CA ALA A 91 4.11 22.14 -2.29
C ALA A 91 3.15 22.90 -1.38
N ILE A 92 2.46 22.19 -0.48
CA ILE A 92 1.56 22.86 0.46
C ILE A 92 2.34 23.84 1.33
N ALA A 93 3.45 23.38 1.90
CA ALA A 93 4.22 24.23 2.81
C ALA A 93 4.82 25.44 2.08
N LEU A 94 5.10 25.31 0.79
CA LEU A 94 5.72 26.37 0.00
C LEU A 94 4.69 27.24 -0.71
N ASN A 95 3.40 27.08 -0.38
CA ASN A 95 2.29 27.88 -0.92
C ASN A 95 2.18 27.78 -2.43
N LYS A 96 2.54 26.63 -2.97
CA LYS A 96 2.31 26.41 -4.39
C LYS A 96 0.83 26.12 -4.67
N ALA A 97 0.43 26.35 -5.92
CA ALA A 97 -0.89 25.89 -6.35
C ALA A 97 -0.95 24.37 -6.32
N ILE A 98 -2.10 23.84 -5.92
CA ILE A 98 -2.28 22.41 -5.69
C ILE A 98 -3.44 21.91 -6.55
N PHE A 99 -3.18 20.90 -7.38
CA PHE A 99 -4.22 20.20 -8.12
C PHE A 99 -4.02 18.71 -7.96
N LEU A 100 -5.11 17.98 -7.75
CA LEU A 100 -5.06 16.54 -7.48
C LEU A 100 -5.75 15.79 -8.61
N PHE A 101 -5.20 14.62 -8.97
CA PHE A 101 -5.75 13.79 -10.02
C PHE A 101 -5.96 12.38 -9.49
N ARG A 102 -7.18 11.88 -9.58
CA ARG A 102 -7.47 10.50 -9.19
C ARG A 102 -8.58 9.96 -10.07
N ASP A 103 -8.26 9.04 -10.99
CA ASP A 103 -9.30 8.36 -11.76
C ASP A 103 -9.51 6.92 -11.28
N ASP A 104 -8.94 6.60 -10.11
CA ASP A 104 -9.15 5.38 -9.34
C ASP A 104 -10.45 5.53 -8.54
N PHE A 105 -11.43 4.65 -8.77
CA PHE A 105 -12.71 4.80 -8.07
C PHE A 105 -12.74 4.22 -6.66
N ARG A 106 -11.70 3.52 -6.21
CA ARG A 106 -11.70 2.97 -4.86
C ARG A 106 -11.57 4.08 -3.82
N ARG A 107 -12.19 3.86 -2.68
CA ARG A 107 -12.01 4.79 -1.58
C ARG A 107 -10.99 4.29 -0.59
N CYS A 108 -10.10 5.19 -0.15
CA CYS A 108 -9.00 4.89 0.75
C CYS A 108 -8.89 6.13 1.65
N SER A 109 -9.74 6.18 2.68
CA SER A 109 -9.94 7.44 3.38
C SER A 109 -10.08 7.22 4.88
N ASP A 110 -9.75 8.27 5.64
CA ASP A 110 -9.89 8.25 7.08
C ASP A 110 -11.03 9.16 7.56
N ASN A 111 -11.91 9.58 6.65
CA ASN A 111 -12.95 10.56 6.97
C ASN A 111 -14.05 10.44 5.94
N GLU A 112 -15.16 11.15 6.19
CA GLU A 112 -16.30 11.10 5.29
C GLU A 112 -16.33 12.22 4.26
N ARG A 113 -15.58 13.30 4.49
CA ARG A 113 -15.67 14.44 3.60
C ARG A 113 -14.86 14.20 2.32
N TYR A 114 -13.66 13.63 2.46
CA TYR A 114 -12.73 13.45 1.37
C TYR A 114 -12.60 11.98 0.96
N PRO A 115 -12.29 11.71 -0.31
CA PRO A 115 -12.07 10.33 -0.75
C PRO A 115 -10.71 9.77 -0.36
N LEU A 116 -9.80 10.59 0.15
CA LEU A 116 -8.48 10.15 0.57
C LEU A 116 -8.17 10.71 1.96
N ASN A 117 -7.01 10.29 2.49
CA ASN A 117 -6.50 10.83 3.76
C ASN A 117 -6.62 12.34 3.79
N LEU A 118 -7.16 12.87 4.90
CA LEU A 118 -7.49 14.29 4.98
C LEU A 118 -6.27 15.19 4.79
N MET A 119 -5.06 14.70 5.06
CA MET A 119 -3.87 15.55 4.91
C MET A 119 -3.65 15.99 3.47
N LEU A 120 -4.09 15.19 2.50
CA LEU A 120 -3.85 15.52 1.10
C LEU A 120 -4.57 16.79 0.67
N PHE A 121 -5.56 17.23 1.45
CA PHE A 121 -6.39 18.38 1.13
C PHE A 121 -6.07 19.58 1.99
N ALA A 122 -4.96 19.54 2.73
CA ALA A 122 -4.63 20.61 3.68
C ALA A 122 -4.31 21.93 2.98
N GLY A 123 -3.85 21.88 1.74
CA GLY A 123 -3.58 23.07 0.96
C GLY A 123 -4.71 23.52 0.06
N LEU A 124 -5.86 22.85 0.12
CA LEU A 124 -7.04 23.19 -0.66
C LEU A 124 -8.07 23.89 0.22
N PRO A 125 -8.96 24.67 -0.36
CA PRO A 125 -9.96 25.36 0.46
C PRO A 125 -10.95 24.40 1.10
N GLU A 126 -11.53 24.83 2.23
CA GLU A 126 -12.54 24.02 2.90
C GLU A 126 -13.74 23.77 1.99
N ILE A 127 -14.21 24.81 1.30
CA ILE A 127 -15.31 24.72 0.36
C ILE A 127 -14.76 24.87 -1.04
N GLY A 128 -15.25 24.06 -1.96
CA GLY A 128 -14.83 24.09 -3.35
C GLY A 128 -13.53 23.39 -3.66
N TRP A 129 -13.01 22.58 -2.74
CA TRP A 129 -11.80 21.79 -3.04
C TRP A 129 -12.03 20.86 -4.22
N GLU A 130 -13.29 20.46 -4.46
CA GLU A 130 -13.56 19.54 -5.56
C GLU A 130 -13.25 20.16 -6.91
N ASN A 131 -13.24 21.49 -7.02
CA ASN A 131 -12.88 22.15 -8.27
C ASN A 131 -11.41 21.93 -8.62
N TYR A 132 -10.58 21.56 -7.64
CA TYR A 132 -9.16 21.29 -7.82
C TYR A 132 -8.87 19.81 -7.98
N TYR A 133 -9.90 18.98 -7.98
CA TYR A 133 -9.80 17.52 -7.90
C TYR A 133 -10.29 16.94 -9.22
N TYR A 134 -9.38 16.34 -9.98
CA TYR A 134 -9.65 15.84 -11.33
C TYR A 134 -9.81 14.33 -11.28
N THR A 135 -10.87 13.82 -11.93
CA THR A 135 -11.16 12.39 -11.88
C THR A 135 -11.10 11.74 -13.26
N SER A 136 -10.65 12.45 -14.29
CA SER A 136 -10.40 11.84 -15.58
C SER A 136 -9.45 12.72 -16.37
N VAL A 137 -8.70 12.09 -17.29
CA VAL A 137 -7.77 12.86 -18.11
C VAL A 137 -8.53 13.85 -18.97
N ASP A 138 -9.75 13.50 -19.40
CA ASP A 138 -10.55 14.40 -20.22
C ASP A 138 -10.97 15.66 -19.47
N GLU A 139 -11.02 15.61 -18.15
CA GLU A 139 -11.44 16.76 -17.33
C GLU A 139 -10.34 17.81 -17.18
N ILE A 140 -9.09 17.46 -17.48
CA ILE A 140 -7.96 18.34 -17.17
C ILE A 140 -8.11 19.68 -17.86
N GLN A 141 -8.60 19.69 -19.09
CA GLN A 141 -8.68 20.92 -19.86
C GLN A 141 -9.99 21.67 -19.65
N SER A 142 -10.81 21.26 -18.67
CA SER A 142 -12.09 21.90 -18.45
C SER A 142 -11.93 23.36 -18.01
N HIS A 143 -12.63 24.25 -18.70
CA HIS A 143 -12.60 25.66 -18.31
C HIS A 143 -13.37 25.93 -17.01
N ASP A 144 -14.11 24.95 -16.51
CA ASP A 144 -14.86 25.08 -15.26
C ASP A 144 -14.06 24.64 -14.05
N LYS A 145 -12.87 24.08 -14.23
CA LYS A 145 -12.09 23.55 -13.13
C LYS A 145 -10.92 24.47 -12.81
N ALA A 146 -10.28 24.20 -11.67
CA ALA A 146 -9.42 25.18 -11.04
C ALA A 146 -8.13 25.42 -11.80
N LEU A 147 -7.55 24.39 -12.44
CA LEU A 147 -6.32 24.59 -13.21
C LEU A 147 -6.49 25.66 -14.29
N TYR A 148 -7.56 25.58 -15.07
CA TYR A 148 -7.77 26.57 -16.13
C TYR A 148 -8.02 27.96 -15.54
N LYS A 149 -8.83 28.03 -14.48
CA LYS A 149 -9.10 29.32 -13.84
C LYS A 149 -7.83 29.94 -13.29
N TRP A 150 -6.96 29.12 -12.70
CA TRP A 150 -5.67 29.58 -12.19
C TRP A 150 -4.82 30.18 -13.30
N LEU A 151 -4.76 29.50 -14.45
CA LEU A 151 -3.91 29.98 -15.54
C LEU A 151 -4.38 31.31 -16.10
N THR A 152 -5.69 31.57 -16.05
CA THR A 152 -6.24 32.78 -16.62
C THR A 152 -6.57 33.84 -15.58
N GLY A 153 -6.22 33.60 -14.32
CA GLY A 153 -6.47 34.57 -13.26
C GLY A 153 -7.93 34.83 -12.98
N MET A 154 -8.79 33.85 -13.19
CA MET A 154 -10.21 34.01 -12.92
C MET A 154 -10.65 33.06 -11.82
N LYS B 1 -8.64 -27.72 -27.41
CA LYS B 1 -9.20 -26.62 -26.63
C LYS B 1 -8.10 -25.69 -26.12
N ARG B 2 -8.31 -24.39 -26.25
CA ARG B 2 -7.34 -23.41 -25.80
C ARG B 2 -7.20 -23.44 -24.28
N LYS B 3 -5.97 -23.24 -23.81
CA LYS B 3 -5.76 -23.00 -22.39
C LYS B 3 -6.40 -21.67 -21.99
N ILE B 4 -6.94 -21.63 -20.77
CA ILE B 4 -7.65 -20.45 -20.25
C ILE B 4 -6.77 -19.79 -19.21
N ILE B 5 -6.47 -18.51 -19.41
CA ILE B 5 -5.74 -17.70 -18.43
C ILE B 5 -6.69 -16.71 -17.79
N TYR B 6 -6.70 -16.68 -16.46
CA TYR B 6 -7.36 -15.63 -15.69
C TYR B 6 -6.37 -14.50 -15.51
N LEU B 7 -6.67 -13.33 -16.08
CA LEU B 7 -5.79 -12.16 -16.07
C LEU B 7 -6.21 -11.27 -14.89
N ALA B 8 -5.56 -11.49 -13.75
CA ALA B 8 -5.86 -10.76 -12.53
C ALA B 8 -5.03 -9.48 -12.47
N SER B 9 -5.68 -8.35 -12.20
CA SER B 9 -4.96 -7.09 -12.21
C SER B 9 -5.75 -6.08 -11.41
N PRO B 10 -5.10 -5.02 -10.91
CA PRO B 10 -5.83 -3.85 -10.38
C PRO B 10 -6.15 -2.80 -11.43
N TYR B 11 -5.94 -3.10 -12.71
CA TYR B 11 -6.00 -2.05 -13.72
C TYR B 11 -7.43 -1.60 -14.02
N GLY B 12 -8.44 -2.38 -13.67
CA GLY B 12 -9.81 -1.96 -13.85
C GLY B 12 -10.28 -0.86 -12.91
N PHE B 13 -9.52 -0.55 -11.86
CA PHE B 13 -9.94 0.46 -10.89
C PHE B 13 -9.72 1.87 -11.39
N SER B 14 -8.78 2.07 -12.33
CA SER B 14 -8.45 3.39 -12.85
C SER B 14 -8.93 3.47 -14.29
N GLN B 15 -9.65 4.56 -14.62
CA GLN B 15 -10.23 4.68 -15.95
C GLN B 15 -9.16 4.60 -17.03
N GLN B 16 -8.07 5.33 -16.86
CA GLN B 16 -7.02 5.34 -17.88
C GLN B 16 -6.28 4.00 -17.94
N GLN B 17 -6.02 3.39 -16.78
CA GLN B 17 -5.31 2.11 -16.77
C GLN B 17 -6.15 1.01 -17.42
N LYS B 18 -7.45 1.01 -17.15
CA LYS B 18 -8.33 0.02 -17.76
C LYS B 18 -8.32 0.14 -19.27
N THR B 19 -8.37 1.36 -19.78
CA THR B 19 -8.47 1.60 -21.21
C THR B 19 -7.15 1.32 -21.92
N LEU B 20 -6.02 1.65 -21.30
CA LEU B 20 -4.75 1.64 -22.01
C LEU B 20 -3.84 0.45 -21.66
N LEU B 21 -3.84 -0.03 -20.42
CA LEU B 21 -2.88 -1.04 -20.00
C LEU B 21 -3.34 -2.45 -20.26
N LEU B 22 -4.62 -2.72 -20.06
CA LEU B 22 -5.06 -4.11 -20.17
C LEU B 22 -5.12 -4.63 -21.62
N PRO B 23 -5.65 -3.90 -22.59
CA PRO B 23 -5.76 -4.48 -23.95
C PRO B 23 -4.44 -4.99 -24.49
N PRO B 24 -3.31 -4.28 -24.31
CA PRO B 24 -2.04 -4.85 -24.80
C PRO B 24 -1.65 -6.15 -24.13
N ILE B 25 -1.92 -6.29 -22.82
CA ILE B 25 -1.62 -7.54 -22.14
C ILE B 25 -2.55 -8.65 -22.64
N VAL B 26 -3.85 -8.35 -22.75
CA VAL B 26 -4.79 -9.31 -23.33
C VAL B 26 -4.31 -9.75 -24.72
N ARG B 27 -3.91 -8.80 -25.56
CA ARG B 27 -3.49 -9.17 -26.92
C ARG B 27 -2.23 -10.02 -26.91
N ALA B 28 -1.30 -9.75 -25.99
CA ALA B 28 -0.07 -10.54 -25.91
C ALA B 28 -0.38 -11.98 -25.54
N LEU B 29 -1.28 -12.19 -24.59
CA LEU B 29 -1.67 -13.55 -24.22
C LEU B 29 -2.41 -14.23 -25.35
N GLU B 30 -3.31 -13.51 -26.02
CA GLU B 30 -4.08 -14.11 -27.11
C GLU B 30 -3.19 -14.50 -28.27
N ALA B 31 -2.08 -13.78 -28.47
CA ALA B 31 -1.17 -14.10 -29.56
C ALA B 31 -0.48 -15.44 -29.34
N LEU B 32 -0.41 -15.90 -28.10
CA LEU B 32 0.09 -17.25 -27.81
C LEU B 32 -0.96 -18.33 -28.06
N GLY B 33 -2.19 -17.94 -28.36
CA GLY B 33 -3.29 -18.87 -28.53
C GLY B 33 -4.09 -19.13 -27.27
N ILE B 34 -3.92 -18.30 -26.24
CA ILE B 34 -4.59 -18.46 -24.95
C ILE B 34 -5.96 -17.79 -25.01
N GLU B 35 -6.96 -18.42 -24.39
CA GLU B 35 -8.23 -17.75 -24.11
C GLU B 35 -8.08 -16.97 -22.82
N VAL B 36 -8.30 -15.65 -22.88
CA VAL B 36 -8.06 -14.75 -21.76
C VAL B 36 -9.39 -14.43 -21.08
N TRP B 37 -9.45 -14.67 -19.78
CA TRP B 37 -10.58 -14.29 -18.93
C TRP B 37 -10.16 -13.07 -18.12
N GLU B 38 -10.67 -11.91 -18.51
CA GLU B 38 -10.35 -10.68 -17.81
C GLU B 38 -11.55 -10.25 -16.97
N PRO B 39 -11.41 -10.23 -15.64
CA PRO B 39 -12.60 -10.10 -14.77
C PRO B 39 -13.34 -8.78 -14.90
N PHE B 40 -12.65 -7.66 -15.13
CA PHE B 40 -13.37 -6.39 -15.24
C PHE B 40 -14.28 -6.40 -16.45
N ALA B 41 -13.84 -7.01 -17.54
CA ALA B 41 -14.70 -7.17 -18.70
C ALA B 41 -15.77 -8.23 -18.47
N ARG B 42 -15.43 -9.34 -17.82
CA ARG B 42 -16.35 -10.47 -17.70
C ARG B 42 -17.52 -10.21 -16.76
N ASN B 43 -17.44 -9.18 -15.92
CA ASN B 43 -18.51 -8.88 -14.99
C ASN B 43 -19.40 -7.76 -15.49
N ASN B 44 -19.58 -7.66 -16.80
CA ASN B 44 -20.36 -6.60 -17.42
C ASN B 44 -21.85 -6.87 -17.49
N GLN B 45 -22.33 -8.03 -17.02
CA GLN B 45 -23.77 -8.24 -16.95
C GLN B 45 -24.24 -8.45 -15.53
N ILE B 46 -23.40 -8.16 -14.54
CA ILE B 46 -23.86 -8.03 -13.17
C ILE B 46 -24.63 -6.71 -13.06
N ASP B 47 -25.74 -6.74 -12.34
CA ASP B 47 -26.54 -5.52 -12.15
C ASP B 47 -25.92 -4.72 -11.01
N PHE B 48 -25.18 -3.68 -11.37
CA PHE B 48 -24.50 -2.88 -10.36
C PHE B 48 -25.43 -1.88 -9.68
N SER B 49 -26.71 -1.96 -10.03
CA SER B 49 -27.74 -1.11 -9.37
C SER B 49 -28.23 -1.82 -8.13
N GLN B 50 -27.91 -3.11 -8.02
CA GLN B 50 -28.39 -3.92 -6.87
C GLN B 50 -27.30 -3.97 -5.79
N ALA B 51 -27.72 -3.95 -4.53
CA ALA B 51 -26.78 -3.88 -3.39
C ALA B 51 -25.86 -5.10 -3.28
N ASP B 52 -26.25 -6.25 -3.77
CA ASP B 52 -25.45 -7.46 -3.68
C ASP B 52 -24.40 -7.59 -4.79
N TRP B 53 -24.20 -6.56 -5.62
CA TRP B 53 -23.32 -6.71 -6.78
C TRP B 53 -21.93 -7.15 -6.36
N ALA B 54 -21.45 -6.65 -5.21
CA ALA B 54 -20.09 -6.99 -4.79
C ALA B 54 -19.97 -8.46 -4.43
N TYR B 55 -20.99 -9.01 -3.77
CA TYR B 55 -21.02 -10.44 -3.51
C TYR B 55 -21.09 -11.23 -4.81
N ARG B 56 -21.83 -10.73 -5.83
CA ARG B 56 -21.95 -11.54 -7.02
C ARG B 56 -20.67 -11.46 -7.83
N VAL B 57 -19.97 -10.33 -7.76
CA VAL B 57 -18.68 -10.25 -8.43
C VAL B 57 -17.71 -11.21 -7.75
N ALA B 58 -17.68 -11.19 -6.41
CA ALA B 58 -16.76 -12.05 -5.70
C ALA B 58 -16.98 -13.51 -6.09
N GLN B 59 -18.23 -13.96 -6.14
CA GLN B 59 -18.51 -15.36 -6.47
C GLN B 59 -18.18 -15.66 -7.92
N ALA B 60 -18.48 -14.72 -8.82
CA ALA B 60 -18.15 -14.92 -10.23
C ALA B 60 -16.64 -15.06 -10.42
N ASP B 61 -15.85 -14.23 -9.74
CA ASP B 61 -14.40 -14.31 -9.88
C ASP B 61 -13.87 -15.59 -9.24
N LEU B 62 -14.42 -15.99 -8.11
CA LEU B 62 -14.01 -17.26 -7.52
C LEU B 62 -14.26 -18.42 -8.48
N GLN B 63 -15.44 -18.43 -9.12
CA GLN B 63 -15.75 -19.49 -10.07
C GLN B 63 -14.80 -19.45 -11.27
N ASP B 64 -14.42 -18.25 -11.72
CA ASP B 64 -13.51 -18.15 -12.86
C ASP B 64 -12.13 -18.67 -12.51
N VAL B 65 -11.65 -18.41 -11.30
CA VAL B 65 -10.35 -18.95 -10.90
C VAL B 65 -10.43 -20.46 -10.77
N LYS B 66 -11.55 -21.00 -10.27
CA LYS B 66 -11.72 -22.44 -10.20
C LYS B 66 -11.71 -23.09 -11.59
N ASN B 67 -12.19 -22.37 -12.59
CA ASN B 67 -12.39 -22.94 -13.92
C ASN B 67 -11.29 -22.61 -14.91
N CYS B 68 -10.41 -21.66 -14.59
CA CYS B 68 -9.27 -21.37 -15.44
C CYS B 68 -8.26 -22.51 -15.43
N ASP B 69 -7.32 -22.48 -16.38
CA ASP B 69 -6.16 -23.37 -16.32
C ASP B 69 -4.96 -22.72 -15.63
N GLY B 70 -4.83 -21.41 -15.73
CA GLY B 70 -3.74 -20.71 -15.09
C GLY B 70 -4.17 -19.29 -14.80
N ILE B 71 -3.44 -18.66 -13.89
CA ILE B 71 -3.63 -17.25 -13.58
C ILE B 71 -2.42 -16.48 -14.10
N PHE B 72 -2.66 -15.33 -14.71
CA PHE B 72 -1.61 -14.38 -15.07
C PHE B 72 -1.88 -13.16 -14.18
N ALA B 73 -1.09 -13.01 -13.13
CA ALA B 73 -1.36 -12.03 -12.08
C ALA B 73 -0.47 -10.81 -12.26
N VAL B 74 -1.09 -9.66 -12.50
CA VAL B 74 -0.36 -8.40 -12.56
C VAL B 74 -0.10 -7.98 -11.12
N VAL B 75 1.18 -8.05 -10.71
CA VAL B 75 1.55 -7.81 -9.32
C VAL B 75 2.42 -6.54 -9.22
N ASN B 76 2.11 -5.57 -10.07
CA ASN B 76 2.65 -4.23 -9.91
C ASN B 76 2.12 -3.56 -8.65
N GLY B 77 2.84 -2.54 -8.19
CA GLY B 77 2.44 -1.73 -7.06
C GLY B 77 3.23 -2.07 -5.80
N THR B 78 3.16 -1.17 -4.82
CA THR B 78 3.79 -1.39 -3.53
C THR B 78 2.72 -1.18 -2.45
N PRO B 79 2.05 -2.26 -2.02
CA PRO B 79 2.25 -3.66 -2.39
C PRO B 79 1.38 -4.08 -3.59
N PRO B 80 1.55 -5.31 -4.04
CA PRO B 80 0.60 -5.87 -5.01
C PRO B 80 -0.84 -5.80 -4.48
N ASP B 81 -1.78 -5.76 -5.43
CA ASP B 81 -3.19 -5.56 -5.12
C ASP B 81 -3.75 -6.72 -4.28
N GLU B 82 -4.52 -6.37 -3.24
CA GLU B 82 -5.00 -7.38 -2.31
C GLU B 82 -6.00 -8.33 -2.95
N GLY B 83 -6.83 -7.85 -3.88
CA GLY B 83 -7.73 -8.75 -4.60
C GLY B 83 -6.99 -9.72 -5.51
N VAL B 84 -5.99 -9.23 -6.23
CA VAL B 84 -5.13 -10.10 -7.02
C VAL B 84 -4.46 -11.14 -6.13
N MET B 85 -4.03 -10.74 -4.93
CA MET B 85 -3.36 -11.69 -4.05
C MET B 85 -4.31 -12.79 -3.58
N VAL B 86 -5.56 -12.45 -3.27
CA VAL B 86 -6.53 -13.47 -2.90
C VAL B 86 -6.71 -14.46 -4.05
N GLU B 87 -6.88 -13.93 -5.27
CA GLU B 87 -7.06 -14.80 -6.43
C GLU B 87 -5.82 -15.65 -6.68
N LEU B 88 -4.63 -15.08 -6.47
CA LEU B 88 -3.40 -15.85 -6.58
C LEU B 88 -3.34 -16.97 -5.56
N GLY B 89 -3.73 -16.70 -4.31
CA GLY B 89 -3.76 -17.74 -3.29
C GLY B 89 -4.74 -18.84 -3.66
N MET B 90 -5.91 -18.47 -4.18
CA MET B 90 -6.86 -19.47 -4.68
C MET B 90 -6.22 -20.33 -5.75
N ALA B 91 -5.56 -19.70 -6.73
CA ALA B 91 -4.94 -20.43 -7.83
C ALA B 91 -3.87 -21.40 -7.34
N ILE B 92 -3.04 -20.96 -6.38
CA ILE B 92 -2.02 -21.82 -5.81
C ILE B 92 -2.66 -23.04 -5.15
N ALA B 93 -3.68 -22.82 -4.30
CA ALA B 93 -4.30 -23.92 -3.59
C ALA B 93 -5.03 -24.88 -4.53
N LEU B 94 -5.49 -24.39 -5.67
CA LEU B 94 -6.19 -25.21 -6.64
C LEU B 94 -5.26 -25.81 -7.70
N ASN B 95 -3.94 -25.69 -7.51
CA ASN B 95 -2.93 -26.29 -8.39
C ASN B 95 -3.06 -25.79 -9.82
N LYS B 96 -3.46 -24.53 -9.99
CA LYS B 96 -3.46 -23.93 -11.31
C LYS B 96 -2.04 -23.55 -11.70
N ALA B 97 -1.82 -23.40 -13.00
CA ALA B 97 -0.57 -22.80 -13.46
C ALA B 97 -0.50 -21.35 -13.00
N ILE B 98 0.70 -20.90 -12.61
CA ILE B 98 0.88 -19.58 -11.99
C ILE B 98 1.90 -18.81 -12.81
N PHE B 99 1.51 -17.62 -13.27
CA PHE B 99 2.42 -16.71 -13.97
C PHE B 99 2.27 -15.33 -13.38
N LEU B 100 3.41 -14.66 -13.17
CA LEU B 100 3.44 -13.38 -12.48
C LEU B 100 3.97 -12.31 -13.43
N PHE B 101 3.38 -11.12 -13.36
CA PHE B 101 3.81 -10.01 -14.20
C PHE B 101 4.10 -8.80 -13.33
N ARG B 102 5.31 -8.26 -13.44
CA ARG B 102 5.66 -7.05 -12.71
C ARG B 102 6.67 -6.28 -13.55
N ASP B 103 6.25 -5.16 -14.14
CA ASP B 103 7.17 -4.27 -14.84
C ASP B 103 7.45 -3.01 -14.02
N ASP B 104 7.01 -3.02 -12.78
CA ASP B 104 7.33 -2.03 -11.75
C ASP B 104 8.72 -2.35 -11.23
N PHE B 105 9.67 -1.42 -11.38
CA PHE B 105 11.03 -1.78 -10.99
C PHE B 105 11.29 -1.65 -9.50
N ARG B 106 10.34 -1.15 -8.72
CA ARG B 106 10.59 -1.03 -7.29
C ARG B 106 10.67 -2.41 -6.65
N ARG B 107 11.55 -2.55 -5.66
CA ARG B 107 11.66 -3.79 -4.91
C ARG B 107 10.83 -3.66 -3.65
N CYS B 108 10.02 -4.68 -3.37
CA CYS B 108 9.06 -4.65 -2.28
C CYS B 108 9.04 -6.06 -1.70
N SER B 109 9.99 -6.35 -0.82
CA SER B 109 10.26 -7.74 -0.47
C SER B 109 10.65 -7.89 0.98
N ASP B 110 10.46 -9.11 1.49
CA ASP B 110 10.88 -9.47 2.83
C ASP B 110 12.06 -10.44 2.79
N ASN B 111 12.72 -10.58 1.65
CA ASN B 111 13.74 -11.60 1.51
C ASN B 111 14.69 -11.21 0.39
N GLU B 112 15.75 -11.98 0.25
CA GLU B 112 16.79 -11.70 -0.73
C GLU B 112 16.63 -12.47 -2.03
N ARG B 113 15.86 -13.56 -2.03
CA ARG B 113 15.75 -14.39 -3.23
C ARG B 113 14.75 -13.82 -4.23
N TYR B 114 13.58 -13.42 -3.74
CA TYR B 114 12.48 -13.00 -4.59
C TYR B 114 12.29 -11.49 -4.52
N PRO B 115 11.79 -10.86 -5.57
CA PRO B 115 11.57 -9.40 -5.55
C PRO B 115 10.33 -8.96 -4.80
N LEU B 116 9.47 -9.89 -4.39
CA LEU B 116 8.25 -9.57 -3.65
C LEU B 116 8.15 -10.50 -2.45
N ASN B 117 7.13 -10.25 -1.61
CA ASN B 117 6.82 -11.13 -0.49
C ASN B 117 6.91 -12.60 -0.91
N LEU B 118 7.61 -13.40 -0.10
CA LEU B 118 7.91 -14.77 -0.51
C LEU B 118 6.64 -15.58 -0.76
N MET B 119 5.51 -15.21 -0.14
CA MET B 119 4.30 -16.01 -0.31
C MET B 119 3.82 -16.02 -1.75
N LEU B 120 4.10 -14.95 -2.52
CA LEU B 120 3.61 -14.89 -3.89
C LEU B 120 4.21 -15.98 -4.77
N PHE B 121 5.31 -16.57 -4.33
CA PHE B 121 6.03 -17.56 -5.13
C PHE B 121 5.84 -18.97 -4.59
N ALA B 122 4.94 -19.16 -3.64
CA ALA B 122 4.78 -20.45 -2.98
C ALA B 122 4.25 -21.52 -3.91
N GLY B 123 3.56 -21.13 -4.98
CA GLY B 123 3.05 -22.06 -5.97
C GLY B 123 3.97 -22.30 -7.14
N LEU B 124 5.15 -21.72 -7.14
CA LEU B 124 6.14 -21.91 -8.19
C LEU B 124 7.22 -22.87 -7.71
N PRO B 125 7.92 -23.53 -8.64
CA PRO B 125 8.96 -24.47 -8.22
C PRO B 125 10.11 -23.73 -7.56
N GLU B 126 10.85 -24.46 -6.71
CA GLU B 126 12.03 -23.90 -6.06
C GLU B 126 13.04 -23.38 -7.09
N ILE B 127 13.27 -24.15 -8.15
CA ILE B 127 14.23 -23.82 -9.20
C ILE B 127 13.46 -23.31 -10.41
N GLY B 128 13.97 -22.25 -11.04
CA GLY B 128 13.36 -21.77 -12.26
C GLY B 128 12.09 -20.98 -12.06
N TRP B 129 11.83 -20.51 -10.84
CA TRP B 129 10.64 -19.68 -10.60
C TRP B 129 10.68 -18.42 -11.47
N GLU B 130 11.88 -17.93 -11.77
CA GLU B 130 11.96 -16.69 -12.54
C GLU B 130 11.46 -16.88 -13.97
N ASN B 131 11.41 -18.12 -14.46
CA ASN B 131 10.88 -18.38 -15.78
C ASN B 131 9.38 -18.06 -15.87
N TYR B 132 8.70 -17.97 -14.74
CA TYR B 132 7.29 -17.63 -14.67
C TYR B 132 7.06 -16.17 -14.36
N TYR B 133 8.13 -15.39 -14.23
CA TYR B 133 8.06 -14.02 -13.74
C TYR B 133 8.40 -13.10 -14.90
N TYR B 134 7.41 -12.36 -15.37
CA TYR B 134 7.53 -11.53 -16.55
C TYR B 134 7.69 -10.08 -16.11
N THR B 135 8.66 -9.38 -16.73
CA THR B 135 8.96 -8.00 -16.33
C THR B 135 8.67 -6.98 -17.42
N SER B 136 8.08 -7.39 -18.54
CA SER B 136 7.65 -6.43 -19.55
C SER B 136 6.57 -7.08 -20.41
N VAL B 137 5.71 -6.25 -21.00
CA VAL B 137 4.68 -6.77 -21.88
C VAL B 137 5.32 -7.48 -23.05
N ASP B 138 6.47 -6.96 -23.51
CA ASP B 138 7.19 -7.52 -24.65
C ASP B 138 7.69 -8.93 -24.37
N GLU B 139 7.94 -9.26 -23.10
CA GLU B 139 8.46 -10.57 -22.73
C GLU B 139 7.40 -11.67 -22.76
N ILE B 140 6.12 -11.31 -22.79
CA ILE B 140 5.07 -12.33 -22.66
C ILE B 140 5.19 -13.38 -23.77
N GLN B 141 5.52 -12.95 -24.98
CA GLN B 141 5.60 -13.87 -26.10
C GLN B 141 6.85 -14.74 -26.11
N SER B 142 7.74 -14.59 -25.13
CA SER B 142 9.06 -15.23 -25.23
C SER B 142 8.94 -16.75 -25.24
N HIS B 143 9.60 -17.37 -26.22
CA HIS B 143 9.58 -18.83 -26.27
C HIS B 143 10.44 -19.47 -25.18
N ASP B 144 11.24 -18.68 -24.47
CA ASP B 144 12.07 -19.20 -23.39
C ASP B 144 11.37 -19.18 -22.04
N LYS B 145 10.19 -18.57 -21.94
CA LYS B 145 9.51 -18.38 -20.67
C LYS B 145 8.33 -19.36 -20.51
N ALA B 146 7.78 -19.38 -19.30
CA ALA B 146 6.96 -20.53 -18.90
C ALA B 146 5.63 -20.60 -19.65
N LEU B 147 5.02 -19.46 -20.02
CA LEU B 147 3.78 -19.53 -20.78
C LEU B 147 3.96 -20.37 -22.05
N TYR B 148 5.04 -20.10 -22.79
CA TYR B 148 5.27 -20.81 -24.03
C TYR B 148 5.57 -22.28 -23.78
N LYS B 149 6.40 -22.58 -22.78
CA LYS B 149 6.69 -23.97 -22.45
C LYS B 149 5.43 -24.72 -22.06
N TRP B 150 4.55 -24.06 -21.30
CA TRP B 150 3.27 -24.66 -20.94
C TRP B 150 2.49 -25.07 -22.17
N LEU B 151 2.38 -24.16 -23.14
CA LEU B 151 1.61 -24.40 -24.34
C LEU B 151 2.23 -25.46 -25.24
N THR B 152 3.55 -25.64 -25.20
CA THR B 152 4.21 -26.62 -26.06
C THR B 152 4.59 -27.89 -25.31
N GLY B 153 4.18 -28.02 -24.05
CA GLY B 153 4.47 -29.24 -23.31
C GLY B 153 5.94 -29.47 -23.02
N MET B 154 6.69 -28.40 -22.80
CA MET B 154 8.12 -28.52 -22.50
C MET B 154 8.40 -28.00 -21.11
N LYS C 1 14.41 26.52 26.44
CA LYS C 1 13.13 25.94 26.01
C LYS C 1 13.30 24.55 25.40
N ARG C 2 12.42 23.62 25.75
CA ARG C 2 12.52 22.25 25.25
C ARG C 2 12.23 22.21 23.75
N LYS C 3 13.03 21.44 23.02
CA LYS C 3 12.76 21.26 21.61
C LYS C 3 11.48 20.46 21.42
N ILE C 4 10.76 20.78 20.35
CA ILE C 4 9.47 20.16 20.07
C ILE C 4 9.63 19.19 18.91
N ILE C 5 9.20 17.95 19.11
CA ILE C 5 9.16 16.92 18.08
C ILE C 5 7.71 16.61 17.75
N TYR C 6 7.37 16.69 16.46
CA TYR C 6 6.09 16.21 15.95
C TYR C 6 6.24 14.73 15.63
N LEU C 7 5.48 13.89 16.33
CA LEU C 7 5.57 12.44 16.20
C LEU C 7 4.52 11.99 15.19
N ALA C 8 4.94 11.87 13.92
CA ALA C 8 4.04 11.48 12.84
C ALA C 8 4.01 9.97 12.73
N SER C 9 2.81 9.39 12.71
CA SER C 9 2.70 7.94 12.58
C SER C 9 1.30 7.61 12.08
N PRO C 10 1.10 6.40 11.57
CA PRO C 10 -0.25 5.87 11.33
C PRO C 10 -0.80 5.02 12.46
N TYR C 11 -0.14 5.03 13.63
CA TYR C 11 -0.53 4.11 14.69
C TYR C 11 -1.85 4.50 15.34
N GLY C 12 -2.31 5.73 15.13
CA GLY C 12 -3.61 6.12 15.67
C GLY C 12 -4.79 5.52 14.93
N PHE C 13 -4.57 4.93 13.75
CA PHE C 13 -5.67 4.37 12.97
C PHE C 13 -6.14 3.02 13.49
N SER C 14 -5.31 2.29 14.21
CA SER C 14 -5.65 0.99 14.73
C SER C 14 -5.76 1.06 16.24
N GLN C 15 -6.86 0.57 16.79
CA GLN C 15 -7.10 0.70 18.22
C GLN C 15 -5.96 0.10 19.02
N GLN C 16 -5.54 -1.11 18.66
CA GLN C 16 -4.48 -1.77 19.42
C GLN C 16 -3.14 -1.07 19.25
N GLN C 17 -2.84 -0.61 18.03
CA GLN C 17 -1.56 0.06 17.79
C GLN C 17 -1.49 1.38 18.54
N LYS C 18 -2.61 2.11 18.57
CA LYS C 18 -2.64 3.39 19.26
C LYS C 18 -2.41 3.21 20.75
N THR C 19 -3.01 2.18 21.33
CA THR C 19 -2.91 1.89 22.76
C THR C 19 -1.52 1.38 23.13
N LEU C 20 -0.92 0.55 22.29
CA LEU C 20 0.28 -0.20 22.67
C LEU C 20 1.57 0.33 22.07
N LEU C 21 1.57 0.81 20.83
CA LEU C 21 2.81 1.16 20.14
C LEU C 21 3.26 2.58 20.43
N LEU C 22 2.32 3.52 20.53
CA LEU C 22 2.68 4.93 20.60
C LEU C 22 3.21 5.33 21.98
N PRO C 23 2.61 4.91 23.10
CA PRO C 23 3.12 5.37 24.42
C PRO C 23 4.59 5.05 24.63
N PRO C 24 5.08 3.85 24.26
CA PRO C 24 6.54 3.61 24.42
C PRO C 24 7.41 4.54 23.59
N ILE C 25 6.98 4.91 22.38
CA ILE C 25 7.78 5.83 21.58
C ILE C 25 7.74 7.22 22.18
N VAL C 26 6.55 7.65 22.61
CA VAL C 26 6.42 8.94 23.28
C VAL C 26 7.35 8.99 24.49
N ARG C 27 7.38 7.90 25.27
CA ARG C 27 8.19 7.92 26.50
C ARG C 27 9.68 7.95 26.18
N ALA C 28 10.10 7.28 25.10
CA ALA C 28 11.51 7.32 24.73
C ALA C 28 11.92 8.74 24.34
N LEU C 29 11.10 9.41 23.53
CA LEU C 29 11.38 10.79 23.18
C LEU C 29 11.39 11.69 24.41
N GLU C 30 10.40 11.54 25.30
CA GLU C 30 10.32 12.43 26.45
C GLU C 30 11.47 12.20 27.42
N ALA C 31 12.01 10.98 27.48
CA ALA C 31 13.17 10.70 28.33
C ALA C 31 14.39 11.50 27.89
N LEU C 32 14.47 11.86 26.62
CA LEU C 32 15.53 12.73 26.12
C LEU C 32 15.31 14.19 26.48
N GLY C 33 14.18 14.52 27.09
CA GLY C 33 13.87 15.89 27.42
C GLY C 33 13.13 16.64 26.35
N ILE C 34 12.51 15.93 25.42
CA ILE C 34 11.82 16.51 24.27
C ILE C 34 10.37 16.73 24.62
N GLU C 35 9.78 17.83 24.14
CA GLU C 35 8.33 17.99 24.18
C GLU C 35 7.75 17.31 22.94
N VAL C 36 6.89 16.32 23.14
CA VAL C 36 6.36 15.49 22.07
C VAL C 36 4.95 15.95 21.72
N TRP C 37 4.74 16.25 20.45
CA TRP C 37 3.43 16.58 19.90
C TRP C 37 2.98 15.37 19.09
N GLU C 38 2.01 14.64 19.61
CA GLU C 38 1.50 13.46 18.93
C GLU C 38 0.11 13.77 18.41
N PRO C 39 -0.11 13.72 17.09
CA PRO C 39 -1.31 14.33 16.52
C PRO C 39 -2.60 13.67 16.94
N PHE C 40 -2.58 12.38 17.21
CA PHE C 40 -3.87 11.71 17.51
C PHE C 40 -4.37 12.18 18.89
N ALA C 41 -3.44 12.42 19.80
CA ALA C 41 -3.82 12.90 21.14
C ALA C 41 -4.17 14.38 21.07
N ARG C 42 -3.39 15.16 20.34
CA ARG C 42 -3.59 16.62 20.28
C ARG C 42 -4.91 16.95 19.59
N ASN C 43 -5.40 16.06 18.73
CA ASN C 43 -6.67 16.33 17.97
C ASN C 43 -7.88 16.08 18.84
N ASN C 44 -7.69 15.52 20.03
CA ASN C 44 -8.83 15.26 20.96
C ASN C 44 -9.83 16.39 21.04
N GLN C 45 -9.39 17.63 21.25
CA GLN C 45 -10.38 18.68 21.42
C GLN C 45 -10.82 19.27 20.08
N ILE C 46 -11.21 18.38 19.17
CA ILE C 46 -11.90 18.72 17.94
C ILE C 46 -13.28 18.07 18.02
N ASP C 47 -14.32 18.85 17.73
CA ASP C 47 -15.68 18.27 17.75
C ASP C 47 -15.85 17.40 16.51
N PHE C 48 -15.90 16.09 16.69
CA PHE C 48 -15.94 15.15 15.57
C PHE C 48 -17.36 14.90 15.06
N SER C 49 -18.34 15.68 15.51
CA SER C 49 -19.68 15.65 14.93
C SER C 49 -20.00 16.87 14.08
N GLN C 50 -19.22 17.94 14.18
CA GLN C 50 -19.30 19.01 13.21
C GLN C 50 -18.71 18.53 11.89
N ALA C 51 -19.41 18.78 10.78
CA ALA C 51 -19.07 18.14 9.52
C ALA C 51 -17.66 18.47 9.04
N ASP C 52 -17.08 19.57 9.50
CA ASP C 52 -15.79 20.03 9.00
C ASP C 52 -14.61 19.50 9.80
N TRP C 53 -14.79 18.45 10.60
CA TRP C 53 -13.72 18.02 11.48
C TRP C 53 -12.47 17.61 10.71
N ALA C 54 -12.65 16.98 9.54
CA ALA C 54 -11.50 16.54 8.76
C ALA C 54 -10.65 17.72 8.33
N TYR C 55 -11.29 18.80 7.89
CA TYR C 55 -10.55 20.01 7.52
C TYR C 55 -9.84 20.60 8.73
N ARG C 56 -10.53 20.65 9.88
CA ARG C 56 -9.92 21.20 11.09
C ARG C 56 -8.71 20.38 11.52
N VAL C 57 -8.84 19.06 11.53
CA VAL C 57 -7.70 18.20 11.82
C VAL C 57 -6.53 18.52 10.89
N ALA C 58 -6.83 18.62 9.59
CA ALA C 58 -5.77 18.88 8.60
C ALA C 58 -5.06 20.20 8.89
N GLN C 59 -5.83 21.26 9.18
CA GLN C 59 -5.21 22.55 9.44
C GLN C 59 -4.44 22.53 10.75
N ALA C 60 -4.97 21.85 11.75
CA ALA C 60 -4.28 21.78 13.04
C ALA C 60 -2.95 21.05 12.91
N ASP C 61 -2.94 19.95 12.15
CA ASP C 61 -1.68 19.23 11.97
C ASP C 61 -0.69 20.05 11.15
N LEU C 62 -1.17 20.74 10.12
CA LEU C 62 -0.33 21.66 9.37
C LEU C 62 0.34 22.67 10.28
N GLN C 63 -0.44 23.27 11.19
CA GLN C 63 0.13 24.27 12.11
C GLN C 63 1.15 23.64 13.05
N ASP C 64 0.88 22.42 13.52
CA ASP C 64 1.83 21.76 14.42
C ASP C 64 3.16 21.49 13.74
N VAL C 65 3.14 21.11 12.46
CA VAL C 65 4.39 20.92 11.74
C VAL C 65 5.11 22.24 11.57
N LYS C 66 4.34 23.32 11.29
CA LYS C 66 4.95 24.64 11.15
C LYS C 66 5.62 25.09 12.43
N ASN C 67 5.09 24.69 13.58
CA ASN C 67 5.55 25.18 14.88
C ASN C 67 6.44 24.20 15.63
N CYS C 68 6.66 22.99 15.10
CA CYS C 68 7.58 22.08 15.76
C CYS C 68 9.03 22.48 15.45
N ASP C 69 9.97 21.85 16.14
CA ASP C 69 11.38 21.99 15.79
C ASP C 69 11.88 20.85 14.92
N GLY C 70 11.37 19.64 15.11
CA GLY C 70 11.71 18.51 14.28
C GLY C 70 10.52 17.59 14.12
N ILE C 71 10.58 16.74 13.10
CA ILE C 71 9.60 15.68 12.91
C ILE C 71 10.29 14.36 13.18
N PHE C 72 9.58 13.48 13.87
CA PHE C 72 9.98 12.09 14.07
C PHE C 72 8.90 11.26 13.38
N ALA C 73 9.21 10.77 12.18
CA ALA C 73 8.21 10.14 11.33
C ALA C 73 8.36 8.63 11.41
N VAL C 74 7.31 7.96 11.86
CA VAL C 74 7.23 6.51 11.83
C VAL C 74 6.89 6.13 10.39
N VAL C 75 7.85 5.53 9.68
CA VAL C 75 7.64 5.22 8.27
C VAL C 75 7.63 3.71 8.07
N ASN C 76 7.09 2.99 9.05
CA ASN C 76 6.79 1.58 8.88
C ASN C 76 5.70 1.38 7.85
N GLY C 77 5.65 0.17 7.31
CA GLY C 77 4.61 -0.24 6.39
C GLY C 77 5.09 -0.25 4.96
N THR C 78 4.29 -0.87 4.10
CA THR C 78 4.58 -0.88 2.68
C THR C 78 3.33 -0.41 1.94
N PRO C 79 3.30 0.86 1.50
CA PRO C 79 4.34 1.86 1.71
C PRO C 79 4.14 2.62 3.02
N PRO C 80 5.06 3.52 3.36
CA PRO C 80 4.80 4.44 4.47
C PRO C 80 3.51 5.19 4.26
N ASP C 81 2.91 5.62 5.37
CA ASP C 81 1.59 6.23 5.38
C ASP C 81 1.55 7.57 4.65
N GLU C 82 0.50 7.76 3.84
CA GLU C 82 0.44 8.94 2.98
C GLU C 82 0.31 10.24 3.77
N GLY C 83 -0.38 10.23 4.91
CA GLY C 83 -0.47 11.44 5.71
C GLY C 83 0.84 11.76 6.40
N VAL C 84 1.54 10.73 6.89
CA VAL C 84 2.88 10.93 7.44
C VAL C 84 3.79 11.50 6.36
N MET C 85 3.62 11.04 5.12
CA MET C 85 4.48 11.51 4.04
C MET C 85 4.21 12.97 3.71
N VAL C 86 2.94 13.39 3.68
CA VAL C 86 2.63 14.81 3.48
C VAL C 86 3.27 15.65 4.59
N GLU C 87 3.14 15.20 5.83
CA GLU C 87 3.72 15.95 6.94
C GLU C 87 5.23 15.99 6.84
N LEU C 88 5.85 14.88 6.39
CA LEU C 88 7.29 14.87 6.20
C LEU C 88 7.71 15.85 5.13
N GLY C 89 6.98 15.90 4.01
CA GLY C 89 7.28 16.87 2.98
C GLY C 89 7.15 18.30 3.48
N MET C 90 6.12 18.57 4.29
CA MET C 90 6.00 19.88 4.90
C MET C 90 7.23 20.19 5.74
N ALA C 91 7.68 19.23 6.55
CA ALA C 91 8.81 19.46 7.44
C ALA C 91 10.09 19.71 6.65
N ILE C 92 10.29 18.98 5.55
CA ILE C 92 11.45 19.23 4.70
C ILE C 92 11.40 20.65 4.14
N ALA C 93 10.27 21.03 3.57
CA ALA C 93 10.13 22.35 2.95
C ALA C 93 10.26 23.47 3.96
N LEU C 94 9.93 23.20 5.23
CA LEU C 94 9.99 24.21 6.28
C LEU C 94 11.31 24.18 7.05
N ASN C 95 12.27 23.38 6.58
CA ASN C 95 13.62 23.34 7.15
C ASN C 95 13.62 22.85 8.59
N LYS C 96 12.68 21.98 8.94
CA LYS C 96 12.67 21.37 10.26
C LYS C 96 13.69 20.22 10.33
N ALA C 97 14.11 19.90 11.56
CA ALA C 97 14.92 18.70 11.75
C ALA C 97 14.11 17.46 11.35
N ILE C 98 14.79 16.49 10.75
CA ILE C 98 14.15 15.28 10.22
C ILE C 98 14.75 14.06 10.89
N PHE C 99 13.91 13.24 11.51
CA PHE C 99 14.29 11.93 12.01
C PHE C 99 13.28 10.90 11.54
N LEU C 100 13.76 9.73 11.11
CA LEU C 100 12.92 8.67 10.55
C LEU C 100 13.02 7.44 11.41
N PHE C 101 11.90 6.73 11.56
CA PHE C 101 11.84 5.53 12.37
C PHE C 101 11.23 4.41 11.54
N ARG C 102 11.93 3.29 11.43
CA ARG C 102 11.37 2.12 10.74
C ARG C 102 11.97 0.87 11.37
N ASP C 103 11.15 0.15 12.13
CA ASP C 103 11.58 -1.14 12.68
C ASP C 103 10.96 -2.31 11.90
N ASP C 104 10.38 -2.01 10.74
CA ASP C 104 9.88 -2.96 9.75
C ASP C 104 11.05 -3.38 8.85
N PHE C 105 11.38 -4.66 8.83
CA PHE C 105 12.59 -5.07 8.11
C PHE C 105 12.39 -5.23 6.60
N ARG C 106 11.16 -5.13 6.09
CA ARG C 106 10.96 -5.26 4.65
C ARG C 106 11.58 -4.07 3.92
N ARG C 107 12.07 -4.33 2.71
CA ARG C 107 12.61 -3.28 1.85
C ARG C 107 11.55 -2.88 0.84
N CYS C 108 11.36 -1.56 0.68
CA CYS C 108 10.25 -1.01 -0.12
C CYS C 108 10.84 0.22 -0.81
N SER C 109 11.64 -0.02 -1.85
CA SER C 109 12.56 1.01 -2.33
C SER C 109 12.60 1.06 -3.84
N ASP C 110 12.87 2.25 -4.36
CA ASP C 110 13.10 2.48 -5.78
C ASP C 110 14.57 2.66 -6.12
N ASN C 111 15.47 2.32 -5.20
CA ASN C 111 16.89 2.61 -5.38
C ASN C 111 17.70 1.67 -4.51
N GLU C 112 19.02 1.65 -4.74
CA GLU C 112 19.87 0.76 -3.96
C GLU C 112 20.51 1.42 -2.74
N ARG C 113 20.52 2.76 -2.67
CA ARG C 113 21.14 3.42 -1.52
C ARG C 113 20.23 3.40 -0.29
N TYR C 114 18.94 3.65 -0.48
CA TYR C 114 18.01 3.82 0.63
C TYR C 114 17.03 2.66 0.70
N PRO C 115 16.59 2.29 1.92
CA PRO C 115 15.60 1.21 2.07
C PRO C 115 14.17 1.63 1.75
N LEU C 116 13.93 2.91 1.46
CA LEU C 116 12.61 3.40 1.07
C LEU C 116 12.77 4.33 -0.13
N ASN C 117 11.62 4.77 -0.66
CA ASN C 117 11.59 5.77 -1.72
C ASN C 117 12.56 6.91 -1.42
N LEU C 118 13.37 7.27 -2.42
CA LEU C 118 14.45 8.24 -2.20
C LEU C 118 13.94 9.59 -1.71
N MET C 119 12.67 9.94 -2.00
CA MET C 119 12.19 11.26 -1.59
C MET C 119 12.14 11.41 -0.07
N LEU C 120 11.93 10.31 0.65
CA LEU C 120 11.87 10.39 2.10
C LEU C 120 13.18 10.92 2.69
N PHE C 121 14.27 10.83 1.95
CA PHE C 121 15.58 11.22 2.45
C PHE C 121 16.04 12.54 1.88
N ALA C 122 15.17 13.25 1.16
CA ALA C 122 15.59 14.47 0.49
C ALA C 122 16.02 15.55 1.47
N GLY C 123 15.49 15.53 2.69
CA GLY C 123 15.85 16.48 3.72
C GLY C 123 16.96 16.02 4.64
N LEU C 124 17.59 14.88 4.34
CA LEU C 124 18.70 14.37 5.11
C LEU C 124 19.99 14.51 4.33
N PRO C 125 21.14 14.51 5.01
CA PRO C 125 22.41 14.68 4.30
C PRO C 125 22.73 13.50 3.39
N GLU C 126 23.52 13.79 2.35
CA GLU C 126 23.94 12.75 1.41
C GLU C 126 24.74 11.67 2.12
N ILE C 127 25.62 12.07 3.04
CA ILE C 127 26.45 11.15 3.81
C ILE C 127 26.03 11.27 5.26
N GLY C 128 25.85 10.12 5.91
CA GLY C 128 25.51 10.11 7.33
C GLY C 128 24.03 10.15 7.62
N TRP C 129 23.18 10.00 6.60
CA TRP C 129 21.74 9.98 6.82
C TRP C 129 21.31 8.83 7.74
N GLU C 130 22.10 7.74 7.78
CA GLU C 130 21.72 6.61 8.64
C GLU C 130 21.68 7.01 10.11
N ASN C 131 22.43 8.03 10.50
CA ASN C 131 22.43 8.47 11.90
C ASN C 131 21.10 9.08 12.30
N TYR C 132 20.28 9.47 11.34
CA TYR C 132 18.95 10.02 11.54
C TYR C 132 17.86 8.97 11.38
N TYR C 133 18.24 7.72 11.12
CA TYR C 133 17.32 6.65 10.75
C TYR C 133 17.35 5.61 11.86
N TYR C 134 16.23 5.49 12.58
CA TYR C 134 16.12 4.63 13.74
C TYR C 134 15.36 3.37 13.38
N THR C 135 15.88 2.21 13.79
CA THR C 135 15.29 0.94 13.43
C THR C 135 14.77 0.14 14.62
N SER C 136 14.75 0.74 15.81
CA SER C 136 14.17 0.07 16.98
C SER C 136 13.86 1.12 18.03
N VAL C 137 12.78 0.90 18.79
CA VAL C 137 12.44 1.84 19.86
C VAL C 137 13.61 2.01 20.82
N ASP C 138 14.33 0.91 21.10
CA ASP C 138 15.48 0.94 21.98
C ASP C 138 16.56 1.90 21.52
N GLU C 139 16.67 2.12 20.20
CA GLU C 139 17.72 2.96 19.63
C GLU C 139 17.48 4.45 19.83
N ILE C 140 16.24 4.85 20.18
CA ILE C 140 15.88 6.26 20.21
C ILE C 140 16.74 7.01 21.22
N GLN C 141 17.14 6.35 22.31
N GLN C 141 17.13 6.34 22.31
CA GLN C 141 17.92 7.04 23.34
CA GLN C 141 17.93 6.93 23.39
C GLN C 141 19.42 7.00 23.09
C GLN C 141 19.40 7.09 23.03
N SER C 142 19.87 6.48 21.95
CA SER C 142 21.30 6.33 21.72
C SER C 142 22.01 7.66 21.64
N HIS C 143 23.12 7.78 22.38
CA HIS C 143 23.91 9.01 22.34
C HIS C 143 24.72 9.14 21.05
N ASP C 144 24.80 8.08 20.25
CA ASP C 144 25.53 8.10 18.99
C ASP C 144 24.65 8.45 17.80
N LYS C 145 23.34 8.62 18.01
CA LYS C 145 22.41 8.89 16.93
C LYS C 145 21.99 10.35 16.95
N ALA C 146 21.31 10.77 15.88
CA ALA C 146 21.21 12.19 15.58
C ALA C 146 20.25 12.92 16.50
N LEU C 147 19.23 12.24 17.03
CA LEU C 147 18.30 12.93 17.90
C LEU C 147 19.00 13.43 19.16
N TYR C 148 19.74 12.56 19.84
CA TYR C 148 20.47 12.98 21.02
C TYR C 148 21.47 14.08 20.69
N LYS C 149 22.20 13.93 19.58
CA LYS C 149 23.20 14.95 19.21
C LYS C 149 22.54 16.29 18.91
N TRP C 150 21.37 16.26 18.29
CA TRP C 150 20.62 17.49 17.99
C TRP C 150 20.28 18.27 19.26
N LEU C 151 20.05 17.55 20.34
CA LEU C 151 19.71 18.24 21.61
C LEU C 151 20.91 19.04 22.10
N THR C 152 22.13 18.76 21.62
CA THR C 152 23.33 19.58 21.95
C THR C 152 23.91 20.23 20.70
N LYS D 1 -9.90 -33.16 19.54
CA LYS D 1 -8.81 -32.38 18.97
C LYS D 1 -9.26 -30.88 19.01
N ARG D 2 -8.38 -29.98 19.45
CA ARG D 2 -8.66 -28.55 19.43
C ARG D 2 -8.76 -28.09 17.98
N LYS D 3 -9.63 -27.12 17.71
CA LYS D 3 -9.59 -26.46 16.40
C LYS D 3 -8.27 -25.73 16.26
N ILE D 4 -7.73 -25.73 15.04
CA ILE D 4 -6.45 -25.07 14.76
C ILE D 4 -6.71 -23.82 13.95
N ILE D 5 -6.26 -22.68 14.47
CA ILE D 5 -6.32 -21.40 13.75
C ILE D 5 -4.92 -21.02 13.30
N TYR D 6 -4.80 -20.69 12.01
CA TYR D 6 -3.60 -20.06 11.47
C TYR D 6 -3.79 -18.56 11.57
N LEU D 7 -2.95 -17.91 12.38
CA LEU D 7 -3.05 -16.46 12.65
C LEU D 7 -2.14 -15.73 11.67
N ALA D 8 -2.73 -15.28 10.57
CA ALA D 8 -1.98 -14.62 9.50
C ALA D 8 -1.96 -13.12 9.77
N SER D 9 -0.78 -12.52 9.72
CA SER D 9 -0.67 -11.10 10.05
C SER D 9 0.61 -10.56 9.46
N PRO D 10 0.70 -9.25 9.26
CA PRO D 10 1.99 -8.61 8.96
C PRO D 10 2.77 -8.18 10.19
N TYR D 11 2.34 -8.56 11.38
CA TYR D 11 2.90 -7.96 12.58
C TYR D 11 4.29 -8.50 12.88
N GLY D 12 4.68 -9.63 12.29
CA GLY D 12 6.03 -10.11 12.47
C GLY D 12 7.11 -9.29 11.77
N PHE D 13 6.72 -8.37 10.88
CA PHE D 13 7.72 -7.61 10.13
C PHE D 13 8.31 -6.47 10.96
N SER D 14 7.57 -5.96 11.94
CA SER D 14 8.01 -4.85 12.77
C SER D 14 8.35 -5.38 14.15
N GLN D 15 9.54 -5.01 14.65
CA GLN D 15 10.00 -5.54 15.92
C GLN D 15 9.00 -5.23 17.04
N GLN D 16 8.52 -4.00 17.10
CA GLN D 16 7.59 -3.60 18.17
C GLN D 16 6.23 -4.26 18.01
N GLN D 17 5.73 -4.34 16.78
CA GLN D 17 4.45 -4.97 16.55
C GLN D 17 4.49 -6.46 16.87
N LYS D 18 5.60 -7.12 16.52
CA LYS D 18 5.74 -8.54 16.83
C LYS D 18 5.70 -8.78 18.32
N THR D 19 6.39 -7.92 19.08
CA THR D 19 6.51 -8.08 20.52
C THR D 19 5.22 -7.74 21.25
N LEU D 20 4.51 -6.70 20.80
CA LEU D 20 3.40 -6.15 21.59
C LEU D 20 2.02 -6.50 21.05
N LEU D 21 1.83 -6.61 19.73
CA LEU D 21 0.49 -6.77 19.19
C LEU D 21 0.06 -8.23 19.08
N LEU D 22 1.00 -9.13 18.75
CA LEU D 22 0.62 -10.52 18.50
C LEU D 22 0.28 -11.28 19.78
N PRO D 23 1.04 -11.20 20.86
CA PRO D 23 0.72 -12.02 22.04
C PRO D 23 -0.70 -11.81 22.54
N PRO D 24 -1.23 -10.57 22.62
CA PRO D 24 -2.64 -10.45 23.06
C PRO D 24 -3.64 -11.12 22.14
N ILE D 25 -3.40 -11.08 20.82
CA ILE D 25 -4.31 -11.76 19.90
C ILE D 25 -4.20 -13.27 20.04
N VAL D 26 -2.97 -13.78 20.11
CA VAL D 26 -2.75 -15.21 20.39
C VAL D 26 -3.50 -15.62 21.66
N ARG D 27 -3.34 -14.84 22.73
CA ARG D 27 -3.95 -15.21 24.00
C ARG D 27 -5.48 -15.19 23.92
N ALA D 28 -6.03 -14.23 23.18
CA ALA D 28 -7.48 -14.16 23.04
C ALA D 28 -8.01 -15.41 22.34
N LEU D 29 -7.33 -15.86 21.29
CA LEU D 29 -7.72 -17.07 20.58
C LEU D 29 -7.53 -18.32 21.46
N GLU D 30 -6.41 -18.38 22.19
CA GLU D 30 -6.16 -19.53 23.05
C GLU D 30 -7.18 -19.60 24.19
N ALA D 31 -7.70 -18.45 24.63
CA ALA D 31 -8.69 -18.43 25.69
C ALA D 31 -10.02 -19.06 25.26
N LEU D 32 -10.29 -19.10 23.95
CA LEU D 32 -11.45 -19.81 23.44
C LEU D 32 -11.23 -21.31 23.36
N GLY D 33 -10.00 -21.77 23.63
CA GLY D 33 -9.66 -23.17 23.49
C GLY D 33 -9.08 -23.57 22.15
N ILE D 34 -8.65 -22.61 21.36
CA ILE D 34 -8.11 -22.84 20.02
C ILE D 34 -6.61 -23.08 20.11
N GLU D 35 -6.10 -24.02 19.30
CA GLU D 35 -4.65 -24.12 19.08
C GLU D 35 -4.24 -23.12 18.02
N VAL D 36 -3.33 -22.19 18.37
CA VAL D 36 -2.95 -21.10 17.48
C VAL D 36 -1.62 -21.42 16.79
N TRP D 37 -1.63 -21.37 15.46
CA TRP D 37 -0.42 -21.49 14.64
C TRP D 37 -0.07 -20.09 14.16
N GLU D 38 0.95 -19.49 14.77
CA GLU D 38 1.37 -18.16 14.37
C GLU D 38 2.65 -18.29 13.54
N PRO D 39 2.64 -17.90 12.26
CA PRO D 39 3.75 -18.28 11.36
C PRO D 39 5.11 -17.71 11.73
N PHE D 40 5.17 -16.50 12.27
CA PHE D 40 6.48 -15.92 12.59
C PHE D 40 7.15 -16.71 13.71
N ALA D 41 6.36 -17.17 14.68
CA ALA D 41 6.89 -18.03 15.73
C ALA D 41 7.17 -19.44 15.21
N ARG D 42 6.33 -19.99 14.34
CA ARG D 42 6.51 -21.40 13.92
C ARG D 42 7.71 -21.59 12.99
N ASN D 43 8.17 -20.53 12.36
CA ASN D 43 9.28 -20.64 11.39
C ASN D 43 10.60 -20.37 12.10
N ASN D 44 10.58 -20.31 13.42
CA ASN D 44 11.81 -20.03 14.22
C ASN D 44 12.98 -20.95 13.87
N GLN D 45 12.72 -22.23 13.55
CA GLN D 45 13.82 -23.21 13.32
C GLN D 45 14.38 -23.22 11.89
N ILE D 46 13.68 -22.66 10.92
CA ILE D 46 14.27 -22.59 9.55
C ILE D 46 15.68 -22.02 9.67
N ASP D 47 16.62 -22.49 8.83
CA ASP D 47 17.98 -21.96 8.89
C ASP D 47 18.04 -20.71 8.00
N PHE D 48 17.99 -19.53 8.64
CA PHE D 48 17.91 -18.28 7.90
C PHE D 48 19.25 -17.80 7.36
N SER D 49 20.34 -18.51 7.63
CA SER D 49 21.61 -18.18 6.99
C SER D 49 21.71 -18.70 5.56
N GLN D 50 20.87 -19.66 5.18
CA GLN D 50 20.93 -20.27 3.86
C GLN D 50 19.99 -19.57 2.89
N ALA D 51 20.40 -19.52 1.62
CA ALA D 51 19.72 -18.67 0.64
C ALA D 51 18.31 -19.14 0.36
N ASP D 52 18.02 -20.43 0.57
CA ASP D 52 16.70 -20.96 0.28
C ASP D 52 15.68 -20.76 1.41
N TRP D 53 16.01 -19.99 2.47
CA TRP D 53 15.09 -19.89 3.59
C TRP D 53 13.73 -19.34 3.17
N ALA D 54 13.71 -18.42 2.19
CA ALA D 54 12.44 -17.84 1.77
C ALA D 54 11.55 -18.89 1.11
N TYR D 55 12.15 -19.77 0.31
CA TYR D 55 11.38 -20.89 -0.25
C TYR D 55 10.91 -21.83 0.85
N ARG D 56 11.73 -22.02 1.88
CA ARG D 56 11.37 -22.99 2.90
C ARG D 56 10.28 -22.42 3.81
N VAL D 57 10.26 -21.10 4.00
CA VAL D 57 9.16 -20.48 4.74
C VAL D 57 7.88 -20.55 3.93
N ALA D 58 7.96 -20.26 2.63
CA ALA D 58 6.77 -20.30 1.77
C ALA D 58 6.10 -21.67 1.84
N GLN D 59 6.90 -22.72 1.72
CA GLN D 59 6.33 -24.07 1.70
C GLN D 59 5.79 -24.46 3.07
N ALA D 60 6.50 -24.10 4.14
CA ALA D 60 6.01 -24.40 5.49
C ALA D 60 4.69 -23.70 5.75
N ASP D 61 4.56 -22.44 5.32
CA ASP D 61 3.32 -21.71 5.53
C ASP D 61 2.19 -22.28 4.68
N LEU D 62 2.48 -22.68 3.44
CA LEU D 62 1.47 -23.33 2.63
C LEU D 62 0.97 -24.59 3.31
N GLN D 63 1.89 -25.41 3.84
CA GLN D 63 1.47 -26.62 4.53
C GLN D 63 0.63 -26.29 5.77
N ASP D 64 0.97 -25.23 6.50
CA ASP D 64 0.19 -24.88 7.68
C ASP D 64 -1.21 -24.45 7.31
N VAL D 65 -1.37 -23.71 6.21
CA VAL D 65 -2.72 -23.33 5.79
C VAL D 65 -3.50 -24.56 5.33
N LYS D 66 -2.84 -25.50 4.64
CA LYS D 66 -3.51 -26.74 4.27
C LYS D 66 -3.96 -27.54 5.49
N ASN D 67 -3.23 -27.46 6.60
CA ASN D 67 -3.46 -28.33 7.75
C ASN D 67 -4.26 -27.70 8.87
N CYS D 68 -4.45 -26.37 8.86
CA CYS D 68 -5.31 -25.67 9.82
C CYS D 68 -6.77 -26.01 9.60
N ASP D 69 -7.60 -25.66 10.58
CA ASP D 69 -9.05 -25.69 10.42
C ASP D 69 -9.64 -24.37 10.00
N GLY D 70 -9.03 -23.25 10.40
CA GLY D 70 -9.52 -21.93 10.04
C GLY D 70 -8.34 -20.99 9.98
N ILE D 71 -8.54 -19.86 9.29
CA ILE D 71 -7.56 -18.79 9.28
C ILE D 71 -8.18 -17.61 10.03
N PHE D 72 -7.35 -16.96 10.85
CA PHE D 72 -7.69 -15.69 11.50
C PHE D 72 -6.72 -14.69 10.89
N ALA D 73 -7.21 -13.88 9.96
CA ALA D 73 -6.37 -13.02 9.14
C ALA D 73 -6.44 -11.58 9.65
N VAL D 74 -5.30 -11.05 10.08
CA VAL D 74 -5.21 -9.64 10.47
C VAL D 74 -5.13 -8.85 9.17
N VAL D 75 -6.18 -8.10 8.85
CA VAL D 75 -6.25 -7.40 7.58
C VAL D 75 -6.27 -5.90 7.82
N ASN D 76 -5.54 -5.44 8.85
CA ASN D 76 -5.23 -4.04 9.01
C ASN D 76 -4.34 -3.52 7.88
N GLY D 77 -4.34 -2.21 7.72
CA GLY D 77 -3.47 -1.55 6.76
C GLY D 77 -4.22 -1.12 5.51
N THR D 78 -3.59 -0.22 4.76
CA THR D 78 -4.14 0.21 3.47
C THR D 78 -3.05 0.06 2.42
N PRO D 79 -3.03 -1.07 1.68
CA PRO D 79 -4.02 -2.14 1.76
C PRO D 79 -3.62 -3.23 2.75
N PRO D 80 -4.49 -4.22 2.94
CA PRO D 80 -4.09 -5.42 3.70
C PRO D 80 -2.86 -6.08 3.10
N ASP D 81 -2.12 -6.80 3.95
CA ASP D 81 -0.83 -7.36 3.59
C ASP D 81 -0.95 -8.42 2.49
N GLU D 82 -0.02 -8.34 1.53
CA GLU D 82 -0.12 -9.20 0.35
C GLU D 82 0.12 -10.67 0.69
N GLY D 83 1.00 -10.96 1.65
CA GLY D 83 1.17 -12.35 2.08
C GLY D 83 -0.04 -12.91 2.81
N VAL D 84 -0.62 -12.11 3.73
CA VAL D 84 -1.87 -12.50 4.37
C VAL D 84 -2.94 -12.77 3.31
N MET D 85 -2.99 -11.95 2.26
CA MET D 85 -4.02 -12.13 1.24
C MET D 85 -3.81 -13.42 0.47
N VAL D 86 -2.56 -13.77 0.16
CA VAL D 86 -2.31 -15.05 -0.50
C VAL D 86 -2.80 -16.20 0.39
N GLU D 87 -2.47 -16.14 1.69
CA GLU D 87 -2.88 -17.19 2.62
C GLU D 87 -4.40 -17.23 2.75
N LEU D 88 -5.04 -16.06 2.72
CA LEU D 88 -6.51 -15.99 2.75
C LEU D 88 -7.12 -16.64 1.51
N GLY D 89 -6.56 -16.38 0.33
CA GLY D 89 -7.04 -17.01 -0.88
C GLY D 89 -6.87 -18.52 -0.84
N MET D 90 -5.73 -18.98 -0.32
CA MET D 90 -5.53 -20.42 -0.11
C MET D 90 -6.61 -20.99 0.79
N ALA D 91 -6.86 -20.32 1.92
CA ALA D 91 -7.86 -20.81 2.87
C ALA D 91 -9.25 -20.88 2.24
N ILE D 92 -9.63 -19.87 1.47
CA ILE D 92 -10.93 -19.87 0.80
C ILE D 92 -11.04 -21.06 -0.15
N ALA D 93 -10.02 -21.25 -0.99
CA ALA D 93 -10.07 -22.33 -1.97
C ALA D 93 -10.07 -23.70 -1.30
N LEU D 94 -9.48 -23.82 -0.12
CA LEU D 94 -9.43 -25.10 0.57
C LEU D 94 -10.59 -25.29 1.55
N ASN D 95 -11.58 -24.39 1.52
CA ASN D 95 -12.79 -24.47 2.35
C ASN D 95 -12.48 -24.46 3.84
N LYS D 96 -11.45 -23.73 4.24
CA LYS D 96 -11.21 -23.51 5.65
C LYS D 96 -12.21 -22.50 6.20
N ALA D 97 -12.40 -22.53 7.51
CA ALA D 97 -13.14 -21.46 8.17
C ALA D 97 -12.35 -20.16 8.05
N ILE D 98 -13.06 -19.05 7.86
CA ILE D 98 -12.44 -17.75 7.56
C ILE D 98 -12.90 -16.75 8.61
N PHE D 99 -11.94 -16.11 9.27
CA PHE D 99 -12.23 -15.04 10.20
C PHE D 99 -11.30 -13.87 9.91
N LEU D 100 -11.86 -12.66 9.91
CA LEU D 100 -11.14 -11.46 9.52
C LEU D 100 -11.05 -10.52 10.72
N PHE D 101 -9.90 -9.88 10.87
CA PHE D 101 -9.69 -8.95 11.98
C PHE D 101 -9.20 -7.62 11.42
N ARG D 102 -9.91 -6.53 11.74
CA ARG D 102 -9.46 -5.21 11.34
C ARG D 102 -9.90 -4.20 12.39
N ASP D 103 -8.95 -3.70 13.18
CA ASP D 103 -9.27 -2.65 14.13
C ASP D 103 -8.76 -1.29 13.66
N ASP D 104 -8.33 -1.23 12.40
CA ASP D 104 -7.99 -0.04 11.64
C ASP D 104 -9.30 0.60 11.16
N PHE D 105 -9.57 1.84 11.57
CA PHE D 105 -10.87 2.40 11.22
C PHE D 105 -10.93 3.00 9.82
N ARG D 106 -9.82 3.05 9.08
CA ARG D 106 -9.87 3.59 7.73
C ARG D 106 -10.64 2.65 6.82
N ARG D 107 -11.38 3.23 5.87
CA ARG D 107 -12.11 2.43 4.89
C ARG D 107 -11.29 2.34 3.62
N CYS D 108 -11.15 1.13 3.10
CA CYS D 108 -10.27 0.93 1.96
C CYS D 108 -10.96 -0.12 1.09
N SER D 109 -11.89 0.35 0.25
CA SER D 109 -12.86 -0.54 -0.37
C SER D 109 -13.17 -0.13 -1.80
N ASP D 110 -13.65 -1.11 -2.57
CA ASP D 110 -14.10 -0.90 -3.95
C ASP D 110 -15.62 -1.07 -4.09
N ASN D 111 -16.32 -1.06 -2.96
CA ASN D 111 -17.78 -1.33 -2.98
C ASN D 111 -18.45 -0.71 -1.76
N GLU D 112 -19.77 -0.83 -1.67
CA GLU D 112 -20.53 -0.18 -0.57
C GLU D 112 -20.94 -1.19 0.51
N ARG D 113 -20.87 -2.48 0.21
CA ARG D 113 -21.33 -3.49 1.18
C ARG D 113 -20.21 -3.83 2.15
N TYR D 114 -18.98 -4.00 1.64
CA TYR D 114 -17.91 -4.49 2.49
C TYR D 114 -16.93 -3.37 2.79
N PRO D 115 -16.25 -3.42 3.94
CA PRO D 115 -15.27 -2.37 4.28
C PRO D 115 -13.95 -2.50 3.56
N LEU D 116 -13.71 -3.62 2.86
CA LEU D 116 -12.46 -3.85 2.14
C LEU D 116 -12.80 -4.38 0.74
N ASN D 117 -11.76 -4.56 -0.08
CA ASN D 117 -11.91 -5.18 -1.39
C ASN D 117 -12.81 -6.41 -1.31
N LEU D 118 -13.78 -6.49 -2.23
CA LEU D 118 -14.82 -7.51 -2.11
C LEU D 118 -14.25 -8.93 -2.14
N MET D 119 -13.08 -9.13 -2.72
CA MET D 119 -12.52 -10.49 -2.82
C MET D 119 -12.21 -11.09 -1.46
N LEU D 120 -11.89 -10.25 -0.47
CA LEU D 120 -11.55 -10.78 0.85
C LEU D 120 -12.70 -11.50 1.49
N PHE D 121 -13.92 -11.27 1.01
CA PHE D 121 -15.12 -11.82 1.61
C PHE D 121 -15.72 -12.95 0.78
N ALA D 122 -15.01 -13.40 -0.26
CA ALA D 122 -15.53 -14.37 -1.19
C ALA D 122 -15.74 -15.73 -0.56
N GLY D 123 -15.03 -16.04 0.53
CA GLY D 123 -15.19 -17.29 1.23
C GLY D 123 -16.17 -17.26 2.39
N LEU D 124 -16.83 -16.13 2.61
CA LEU D 124 -17.82 -15.96 3.66
C LEU D 124 -19.21 -16.04 3.06
N PRO D 125 -20.21 -16.37 3.87
CA PRO D 125 -21.58 -16.45 3.33
C PRO D 125 -22.06 -15.08 2.89
N GLU D 126 -23.01 -15.10 1.95
CA GLU D 126 -23.64 -13.87 1.50
C GLU D 126 -24.28 -13.12 2.66
N ILE D 127 -24.96 -13.84 3.55
CA ILE D 127 -25.64 -13.28 4.70
C ILE D 127 -24.81 -13.57 5.94
N GLY D 128 -24.69 -12.58 6.83
CA GLY D 128 -23.98 -12.79 8.08
C GLY D 128 -22.47 -12.79 8.00
N TRP D 129 -21.91 -12.29 6.90
CA TRP D 129 -20.46 -12.22 6.77
C TRP D 129 -19.85 -11.38 7.88
N GLU D 130 -20.58 -10.37 8.38
CA GLU D 130 -20.02 -9.48 9.38
C GLU D 130 -19.81 -10.18 10.71
N ASN D 131 -20.49 -11.31 10.92
CA ASN D 131 -20.28 -12.10 12.13
C ASN D 131 -18.88 -12.68 12.21
N TYR D 132 -18.18 -12.75 11.08
CA TYR D 132 -16.81 -13.26 11.00
C TYR D 132 -15.79 -12.14 11.01
N TYR D 133 -16.24 -10.89 11.14
CA TYR D 133 -15.42 -9.70 10.95
C TYR D 133 -15.26 -9.04 12.31
N TYR D 134 -14.05 -9.10 12.85
CA TYR D 134 -13.78 -8.63 14.20
C TYR D 134 -13.08 -7.29 14.14
N THR D 135 -13.51 -6.32 14.97
CA THR D 135 -12.93 -4.98 14.87
C THR D 135 -12.20 -4.54 16.13
N SER D 136 -12.01 -5.45 17.10
CA SER D 136 -11.18 -5.15 18.25
C SER D 136 -10.73 -6.46 18.89
N VAL D 137 -9.59 -6.41 19.59
CA VAL D 137 -9.11 -7.61 20.24
C VAL D 137 -10.10 -8.08 21.30
N ASP D 138 -10.79 -7.14 21.96
CA ASP D 138 -11.77 -7.47 22.99
C ASP D 138 -12.96 -8.23 22.43
N GLU D 139 -13.26 -8.06 21.14
CA GLU D 139 -14.39 -8.72 20.51
C GLU D 139 -14.14 -10.19 20.20
N ILE D 140 -12.87 -10.62 20.18
CA ILE D 140 -12.55 -11.98 19.78
C ILE D 140 -13.26 -12.99 20.66
N GLN D 141 -13.42 -12.69 21.95
CA GLN D 141 -14.03 -13.66 22.84
C GLN D 141 -15.55 -13.66 22.80
N SER D 142 -16.17 -12.87 21.91
CA SER D 142 -17.61 -12.65 21.97
C SER D 142 -18.38 -13.93 21.66
N HIS D 143 -19.35 -14.25 22.50
CA HIS D 143 -20.19 -15.42 22.25
C HIS D 143 -21.15 -15.22 21.10
N ASP D 144 -21.31 -13.98 20.62
CA ASP D 144 -22.21 -13.69 19.53
C ASP D 144 -21.56 -13.75 18.16
N LYS D 145 -20.23 -13.93 18.08
CA LYS D 145 -19.49 -13.88 16.83
C LYS D 145 -19.05 -15.27 16.38
N ALA D 146 -18.50 -15.33 15.16
CA ALA D 146 -18.43 -16.61 14.46
C ALA D 146 -17.46 -17.59 15.10
N LEU D 147 -16.35 -17.11 15.68
CA LEU D 147 -15.42 -18.03 16.35
C LEU D 147 -16.14 -18.86 17.42
N TYR D 148 -16.93 -18.19 18.25
CA TYR D 148 -17.61 -18.91 19.33
C TYR D 148 -18.66 -19.88 18.77
N LYS D 149 -19.41 -19.44 17.77
CA LYS D 149 -20.40 -20.33 17.14
C LYS D 149 -19.72 -21.55 16.54
N TRP D 150 -18.56 -21.35 15.92
CA TRP D 150 -17.80 -22.46 15.36
C TRP D 150 -17.45 -23.48 16.42
N LEU D 151 -16.93 -23.02 17.55
CA LEU D 151 -16.51 -23.92 18.61
C LEU D 151 -17.68 -24.63 19.28
N THR D 152 -18.86 -24.03 19.27
CA THR D 152 -20.03 -24.59 19.93
C THR D 152 -21.01 -25.27 18.97
N GLY D 153 -20.65 -25.38 17.68
CA GLY D 153 -21.51 -26.04 16.71
C GLY D 153 -22.82 -25.35 16.46
N MET D 154 -22.84 -24.02 16.52
CA MET D 154 -24.05 -23.25 16.31
C MET D 154 -23.91 -22.38 15.07
#